data_5EQN
#
_entry.id   5EQN
#
_cell.length_a   53.880
_cell.length_b   95.090
_cell.length_c   138.240
_cell.angle_alpha   90.00
_cell.angle_beta   90.00
_cell.angle_gamma   90.00
#
_symmetry.space_group_name_H-M   'P 21 21 21'
#
loop_
_entity.id
_entity.type
_entity.pdbx_description
1 polymer FrbJ
2 non-polymer 'MAGNESIUM ION'
3 water water
#
_entity_poly.entity_id   1
_entity_poly.type   'polypeptide(L)'
_entity_poly.pdbx_seq_one_letter_code
;(MSE)GSSHHHHHHSSGLVPRGSH(MSE)VEILKKPVTGRSVWQRAQVEDASQWTYVLDEG(MSE)RAEILEAAERINEQ
GLTVWDLDRKAVPLERAGKLVAQCVEQLEHGFGLA(MSE)LRGVPTEGLTVAESQVV(MSE)GVVGLHLGTAVAQNGHGD
RVVSIRDYGKGRLNSKTIRGYQTNESLPWHSDAPDIAALLCLTQAKHGGEFHVASA(MSE)HIYNTLLQEAPELLGLYYA
GVFFDYRGEEPPGEPPAYRNAIFGYHNGQLSCRYFLRNFADSGTAKLGFEQPEVEKLALDTFEEIASRPENHVS(MSE)R
LEPGD(MSE)QLVDDNVTVHRRGAYSDEEDGSTDSSRHLLRLWINVENGRQFPTSLSTHRWG(MSE)KAAAKPTH
;
_entity_poly.pdbx_strand_id   A,B
#
loop_
_chem_comp.id
_chem_comp.type
_chem_comp.name
_chem_comp.formula
MG non-polymer 'MAGNESIUM ION' 'Mg 2'
#
# COMPACT_ATOMS: atom_id res chain seq x y z
N GLU A 23 -12.45 -5.65 -9.49
CA GLU A 23 -12.09 -6.03 -8.12
C GLU A 23 -12.19 -4.89 -7.15
N ILE A 24 -11.99 -3.67 -7.65
CA ILE A 24 -12.10 -2.50 -6.80
C ILE A 24 -13.38 -1.80 -7.18
N LEU A 25 -14.20 -1.52 -6.17
CA LEU A 25 -15.50 -0.90 -6.39
C LEU A 25 -15.38 0.60 -6.66
N LYS A 26 -15.85 1.03 -7.83
CA LYS A 26 -15.72 2.42 -8.25
C LYS A 26 -17.03 3.19 -8.31
N LYS A 27 -18.10 2.62 -7.77
CA LYS A 27 -19.36 3.34 -7.67
C LYS A 27 -19.93 3.16 -6.27
N PRO A 28 -20.74 4.13 -5.82
CA PRO A 28 -21.19 4.14 -4.42
C PRO A 28 -21.93 2.87 -3.99
N VAL A 29 -21.69 2.44 -2.76
CA VAL A 29 -22.42 1.32 -2.20
C VAL A 29 -23.83 1.79 -1.87
N THR A 30 -24.80 0.93 -2.15
CA THR A 30 -26.19 1.21 -1.82
C THR A 30 -26.69 0.09 -0.91
N GLY A 31 -27.76 0.38 -0.18
CA GLY A 31 -28.33 -0.61 0.71
C GLY A 31 -28.61 -0.02 2.08
N ARG A 32 -29.23 -0.81 2.94
CA ARG A 32 -29.59 -0.33 4.26
C ARG A 32 -28.34 0.04 5.04
N SER A 33 -27.29 -0.75 4.86
CA SER A 33 -26.09 -0.61 5.70
C SER A 33 -25.34 0.67 5.40
N VAL A 34 -25.80 1.39 4.39
CA VAL A 34 -25.22 2.69 4.02
C VAL A 34 -26.01 3.82 4.70
N TRP A 35 -25.42 4.44 5.70
CA TRP A 35 -26.15 5.47 6.44
C TRP A 35 -25.26 6.52 7.09
N GLN A 36 -25.89 7.64 7.44
CA GLN A 36 -25.29 8.66 8.28
C GLN A 36 -26.11 8.74 9.57
N ARG A 37 -25.79 9.69 10.43
CA ARG A 37 -26.42 9.76 11.75
C ARG A 37 -27.92 10.02 11.62
N ALA A 38 -28.30 10.78 10.59
CA ALA A 38 -29.70 11.12 10.36
C ALA A 38 -30.61 9.91 10.12
N GLN A 39 -30.10 8.89 9.44
CA GLN A 39 -30.91 7.72 9.11
C GLN A 39 -31.03 6.75 10.28
N VAL A 40 -30.20 6.91 11.31
CA VAL A 40 -30.23 5.99 12.44
C VAL A 40 -30.45 6.69 13.79
N GLU A 41 -30.65 8.00 13.75
CA GLU A 41 -30.79 8.77 14.98
C GLU A 41 -31.97 8.26 15.79
N ASP A 42 -33.07 7.92 15.13
CA ASP A 42 -34.21 7.38 15.83
C ASP A 42 -33.85 5.92 16.04
N ALA A 43 -33.59 5.59 17.30
CA ALA A 43 -33.18 4.24 17.67
C ALA A 43 -34.33 3.22 17.69
N SER A 44 -35.57 3.69 17.55
CA SER A 44 -36.70 2.78 17.54
C SER A 44 -36.69 1.88 16.31
N GLN A 45 -35.94 2.30 15.29
CA GLN A 45 -35.82 1.52 14.06
C GLN A 45 -34.93 0.30 14.21
N TRP A 46 -34.06 0.32 15.23
CA TRP A 46 -33.11 -0.77 15.46
C TRP A 46 -33.17 -1.43 16.84
N THR A 47 -34.02 -0.93 17.73
CA THR A 47 -34.06 -1.38 19.11
C THR A 47 -35.12 -2.47 19.30
N TYR A 48 -34.71 -3.56 19.96
CA TYR A 48 -35.59 -4.71 20.17
C TYR A 48 -35.70 -5.02 21.66
N VAL A 49 -36.93 -5.00 22.18
CA VAL A 49 -37.14 -5.07 23.62
C VAL A 49 -37.68 -6.43 24.08
N LEU A 50 -36.93 -7.07 24.98
CA LEU A 50 -37.36 -8.32 25.59
C LEU A 50 -38.45 -8.06 26.63
N ASP A 51 -39.59 -8.73 26.51
CA ASP A 51 -40.63 -8.59 27.52
C ASP A 51 -40.40 -9.61 28.64
N GLU A 52 -41.22 -9.53 29.68
CA GLU A 52 -41.07 -10.38 30.86
C GLU A 52 -41.03 -11.88 30.53
N GLY A 53 -41.90 -12.32 29.65
CA GLY A 53 -41.92 -13.71 29.21
C GLY A 53 -40.60 -14.16 28.63
N MSE A 54 -40.03 -13.32 27.76
CA MSE A 54 -38.76 -13.62 27.11
C MSE A 54 -37.61 -13.61 28.12
O MSE A 54 -36.72 -14.47 28.07
CB MSE A 54 -38.50 -12.59 26.00
CG MSE A 54 -39.60 -12.50 24.95
SE MSE A 54 -39.19 -11.24 23.50
CE MSE A 54 -40.79 -10.13 23.52
N ARG A 55 -37.64 -12.67 29.05
CA ARG A 55 -36.63 -12.57 30.09
C ARG A 55 -36.65 -13.81 30.97
N ALA A 56 -37.84 -14.21 31.38
CA ALA A 56 -38.05 -15.40 32.20
C ALA A 56 -37.55 -16.62 31.44
N GLU A 57 -37.83 -16.66 30.15
CA GLU A 57 -37.40 -17.74 29.28
C GLU A 57 -35.88 -17.89 29.29
N ILE A 58 -35.20 -16.75 29.17
CA ILE A 58 -33.73 -16.73 29.15
C ILE A 58 -33.16 -17.14 30.51
N LEU A 59 -33.74 -16.59 31.58
CA LEU A 59 -33.33 -16.94 32.94
C LEU A 59 -33.49 -18.42 33.22
N GLU A 60 -34.59 -19.00 32.79
CA GLU A 60 -34.86 -20.41 33.02
C GLU A 60 -33.87 -21.28 32.25
N ALA A 61 -33.55 -20.87 31.02
CA ALA A 61 -32.56 -21.60 30.25
C ALA A 61 -31.21 -21.57 30.97
N ALA A 62 -30.83 -20.39 31.46
CA ALA A 62 -29.57 -20.23 32.18
C ALA A 62 -29.54 -21.06 33.46
N GLU A 63 -30.64 -21.05 34.21
CA GLU A 63 -30.77 -21.85 35.43
C GLU A 63 -30.55 -23.32 35.14
N ARG A 64 -31.18 -23.80 34.08
CA ARG A 64 -31.06 -25.20 33.67
C ARG A 64 -29.63 -25.53 33.29
N ILE A 65 -28.97 -24.60 32.59
CA ILE A 65 -27.58 -24.80 32.20
C ILE A 65 -26.65 -24.89 33.41
N ASN A 66 -26.88 -24.03 34.39
CA ASN A 66 -26.05 -24.00 35.58
C ASN A 66 -26.30 -25.18 36.52
N GLU A 67 -27.56 -25.58 36.61
CA GLU A 67 -27.96 -26.71 37.43
C GLU A 67 -27.34 -28.01 36.92
N GLN A 68 -27.31 -28.16 35.60
CA GLN A 68 -26.94 -29.41 34.96
C GLN A 68 -25.43 -29.46 34.74
N GLY A 69 -24.74 -28.43 35.19
CA GLY A 69 -23.30 -28.33 35.06
C GLY A 69 -22.81 -28.33 33.63
N LEU A 70 -23.63 -27.81 32.72
CA LEU A 70 -23.24 -27.69 31.32
C LEU A 70 -22.51 -26.38 31.10
N THR A 71 -21.78 -26.30 29.99
CA THR A 71 -21.13 -25.06 29.60
C THR A 71 -21.79 -24.50 28.34
N VAL A 72 -22.33 -23.29 28.45
CA VAL A 72 -23.13 -22.70 27.39
C VAL A 72 -22.36 -22.52 26.08
N TRP A 73 -21.03 -22.42 26.17
CA TRP A 73 -20.19 -22.21 25.00
C TRP A 73 -20.03 -23.46 24.15
N ASP A 74 -20.32 -24.62 24.74
CA ASP A 74 -20.18 -25.88 24.03
C ASP A 74 -21.52 -26.36 23.46
N LEU A 75 -22.58 -25.62 23.76
CA LEU A 75 -23.92 -25.99 23.33
C LEU A 75 -24.25 -25.35 21.98
N ASP A 76 -25.42 -25.63 21.47
CA ASP A 76 -25.86 -25.10 20.19
C ASP A 76 -27.31 -24.66 20.26
N ARG A 77 -27.75 -23.96 19.25
CA ARG A 77 -28.99 -23.20 19.36
C ARG A 77 -30.25 -24.07 19.54
N LYS A 78 -30.20 -25.29 19.02
CA LYS A 78 -31.26 -26.26 19.23
C LYS A 78 -31.39 -26.70 20.69
N ALA A 79 -30.25 -26.88 21.33
CA ALA A 79 -30.18 -27.43 22.68
C ALA A 79 -30.74 -26.42 23.69
N VAL A 80 -30.64 -25.14 23.35
CA VAL A 80 -31.22 -24.09 24.18
C VAL A 80 -32.24 -23.29 23.36
N PRO A 81 -33.42 -23.88 23.12
CA PRO A 81 -34.46 -23.19 22.36
C PRO A 81 -35.09 -22.04 23.15
N LEU A 82 -35.46 -20.97 22.45
CA LEU A 82 -36.11 -19.84 23.08
C LEU A 82 -37.35 -19.48 22.26
N GLU A 83 -38.51 -19.99 22.66
CA GLU A 83 -39.70 -19.97 21.81
C GLU A 83 -40.18 -18.57 21.43
N ARG A 84 -40.17 -17.64 22.37
CA ARG A 84 -40.56 -16.27 22.08
C ARG A 84 -39.37 -15.34 21.83
N ALA A 85 -38.30 -15.54 22.58
CA ALA A 85 -37.15 -14.63 22.53
C ALA A 85 -36.30 -14.86 21.28
N GLY A 86 -36.26 -16.10 20.81
CA GLY A 86 -35.45 -16.43 19.66
C GLY A 86 -35.86 -15.69 18.41
N LYS A 87 -37.16 -15.44 18.27
CA LYS A 87 -37.69 -14.65 17.15
C LYS A 87 -37.20 -13.21 17.17
N LEU A 88 -37.16 -12.60 18.36
CA LEU A 88 -36.71 -11.23 18.51
C LEU A 88 -35.22 -11.15 18.21
N VAL A 89 -34.47 -12.13 18.72
CA VAL A 89 -33.04 -12.19 18.50
C VAL A 89 -32.77 -12.39 17.00
N ALA A 90 -33.65 -13.13 16.35
CA ALA A 90 -33.54 -13.36 14.91
C ALA A 90 -33.73 -12.06 14.14
N GLN A 91 -34.66 -11.22 14.60
CA GLN A 91 -34.79 -9.89 13.99
C GLN A 91 -33.50 -9.10 14.20
N CYS A 92 -32.88 -9.23 15.38
CA CYS A 92 -31.59 -8.56 15.61
C CYS A 92 -30.56 -8.99 14.57
N VAL A 93 -30.43 -10.30 14.38
CA VAL A 93 -29.50 -10.84 13.39
C VAL A 93 -29.79 -10.32 11.98
N GLU A 94 -31.07 -10.29 11.61
CA GLU A 94 -31.43 -9.82 10.27
C GLU A 94 -31.06 -8.36 10.12
N GLN A 95 -31.31 -7.58 11.16
CA GLN A 95 -30.93 -6.16 11.18
C GLN A 95 -29.43 -5.98 11.01
N LEU A 96 -28.66 -6.86 11.63
CA LEU A 96 -27.21 -6.76 11.60
C LEU A 96 -26.63 -7.13 10.23
N GLU A 97 -27.06 -8.26 9.69
CA GLU A 97 -26.48 -8.79 8.45
C GLU A 97 -27.12 -8.22 7.17
N HIS A 98 -28.34 -7.72 7.26
CA HIS A 98 -29.03 -7.22 6.06
C HIS A 98 -29.62 -5.82 6.21
N GLY A 99 -29.60 -5.28 7.43
CA GLY A 99 -30.13 -3.96 7.68
C GLY A 99 -29.06 -2.90 7.92
N PHE A 100 -29.27 -2.08 8.94
CA PHE A 100 -28.33 -1.00 9.27
C PHE A 100 -26.96 -1.53 9.66
N GLY A 101 -26.93 -2.68 10.31
CA GLY A 101 -25.68 -3.27 10.76
C GLY A 101 -25.41 -3.01 12.24
N LEU A 102 -26.36 -2.45 12.93
CA LEU A 102 -26.35 -2.30 14.35
C LEU A 102 -27.70 -2.65 14.92
N ALA A 103 -27.78 -3.02 16.18
CA ALA A 103 -29.07 -3.28 16.80
C ALA A 103 -28.90 -3.32 18.31
N MSE A 104 -29.87 -2.78 19.04
CA MSE A 104 -29.80 -2.88 20.49
C MSE A 104 -30.85 -3.84 21.02
O MSE A 104 -32.03 -3.74 20.67
CB MSE A 104 -29.95 -1.51 21.15
CG MSE A 104 -29.39 -1.49 22.57
SE MSE A 104 -29.97 0.01 23.68
CE MSE A 104 -29.01 1.52 22.90
N LEU A 105 -30.42 -4.79 21.84
CA LEU A 105 -31.33 -5.71 22.51
C LEU A 105 -31.50 -5.27 23.96
N ARG A 106 -32.69 -4.84 24.32
CA ARG A 106 -32.91 -4.31 25.66
C ARG A 106 -33.64 -5.29 26.57
N GLY A 107 -33.40 -5.18 27.87
CA GLY A 107 -34.08 -5.99 28.85
C GLY A 107 -33.46 -7.35 29.10
N VAL A 108 -32.19 -7.52 28.72
CA VAL A 108 -31.46 -8.74 29.06
C VAL A 108 -31.40 -8.90 30.59
N PRO A 109 -31.89 -10.02 31.09
CA PRO A 109 -32.16 -10.12 32.53
C PRO A 109 -30.88 -10.44 33.26
N THR A 110 -30.21 -9.36 33.65
CA THR A 110 -28.95 -9.45 34.40
C THR A 110 -29.07 -8.99 35.85
N GLU A 111 -30.16 -8.30 36.17
CA GLU A 111 -30.44 -7.83 37.54
C GLU A 111 -30.21 -8.88 38.63
N GLY A 112 -29.30 -8.59 39.55
CA GLY A 112 -29.11 -9.42 40.73
C GLY A 112 -28.20 -10.60 40.51
N LEU A 113 -27.64 -10.70 39.30
CA LEU A 113 -26.78 -11.82 38.94
C LEU A 113 -25.32 -11.54 39.22
N THR A 114 -24.56 -12.59 39.50
CA THR A 114 -23.11 -12.49 39.56
C THR A 114 -22.58 -12.35 38.14
N VAL A 115 -21.32 -11.97 38.03
CA VAL A 115 -20.67 -11.82 36.72
C VAL A 115 -20.70 -13.12 35.91
N ALA A 116 -20.40 -14.24 36.55
CA ALA A 116 -20.41 -15.54 35.88
C ALA A 116 -21.82 -15.91 35.39
N GLU A 117 -22.81 -15.63 36.23
CA GLU A 117 -24.20 -15.90 35.89
C GLU A 117 -24.65 -15.04 34.70
N SER A 118 -24.22 -13.78 34.72
CA SER A 118 -24.52 -12.85 33.64
C SER A 118 -23.85 -13.34 32.36
N GLN A 119 -22.64 -13.88 32.49
CA GLN A 119 -21.94 -14.48 31.38
C GLN A 119 -22.72 -15.63 30.77
N VAL A 120 -23.35 -16.43 31.63
CA VAL A 120 -24.16 -17.55 31.13
C VAL A 120 -25.40 -17.04 30.40
N VAL A 121 -26.05 -16.02 30.96
CA VAL A 121 -27.24 -15.44 30.32
C VAL A 121 -26.88 -14.89 28.93
N MSE A 122 -25.76 -14.18 28.86
CA MSE A 122 -25.29 -13.63 27.60
C MSE A 122 -25.01 -14.77 26.65
O MSE A 122 -25.34 -14.64 25.45
CB MSE A 122 -24.00 -12.85 27.84
CG MSE A 122 -23.43 -12.34 26.52
SE MSE A 122 -22.04 -10.99 26.90
CE MSE A 122 -21.51 -10.62 25.04
N GLY A 123 -24.43 -15.85 27.15
CA GLY A 123 -24.18 -17.01 26.31
C GLY A 123 -25.46 -17.55 25.70
N VAL A 124 -26.51 -17.61 26.52
CA VAL A 124 -27.82 -18.04 26.07
C VAL A 124 -28.32 -17.18 24.91
N VAL A 125 -28.27 -15.86 25.08
CA VAL A 125 -28.66 -14.98 23.98
C VAL A 125 -27.75 -15.17 22.75
N GLY A 126 -26.46 -15.36 23.00
CA GLY A 126 -25.46 -15.50 21.97
C GLY A 126 -25.66 -16.71 21.07
N LEU A 127 -26.15 -17.80 21.66
CA LEU A 127 -26.46 -19.01 20.89
C LEU A 127 -27.44 -18.75 19.74
N HIS A 128 -28.29 -17.75 19.89
CA HIS A 128 -29.26 -17.41 18.85
C HIS A 128 -28.75 -16.33 17.90
N LEU A 129 -27.54 -15.84 18.16
CA LEU A 129 -26.88 -14.90 17.26
C LEU A 129 -25.99 -15.65 16.27
N GLY A 130 -25.32 -16.68 16.77
CA GLY A 130 -24.42 -17.48 15.97
C GLY A 130 -23.44 -18.24 16.84
N THR A 131 -22.20 -18.37 16.38
CA THR A 131 -21.19 -19.12 17.11
C THR A 131 -20.22 -18.19 17.82
N ALA A 132 -20.17 -18.31 19.14
CA ALA A 132 -19.22 -17.54 19.95
C ALA A 132 -17.80 -18.04 19.70
N VAL A 133 -16.85 -17.10 19.59
CA VAL A 133 -15.47 -17.45 19.32
C VAL A 133 -14.53 -16.88 20.37
N ALA A 134 -13.33 -17.47 20.46
CA ALA A 134 -12.34 -17.06 21.44
C ALA A 134 -11.84 -15.63 21.18
N GLN A 135 -11.63 -14.87 22.25
CA GLN A 135 -11.19 -13.50 22.14
C GLN A 135 -9.72 -13.30 22.51
N ASN A 136 -9.14 -14.28 23.20
CA ASN A 136 -7.74 -14.20 23.58
C ASN A 136 -7.06 -15.58 23.58
N GLY A 137 -5.79 -15.60 23.97
CA GLY A 137 -5.00 -16.83 23.99
C GLY A 137 -5.53 -17.90 24.93
N HIS A 138 -6.18 -17.49 26.02
CA HIS A 138 -6.74 -18.45 26.96
C HIS A 138 -8.09 -19.00 26.45
N GLY A 139 -8.57 -18.47 25.33
CA GLY A 139 -9.80 -18.94 24.74
C GLY A 139 -11.07 -18.47 25.42
N ASP A 140 -10.99 -17.35 26.13
CA ASP A 140 -12.16 -16.73 26.75
C ASP A 140 -13.12 -16.31 25.66
N ARG A 141 -14.41 -16.55 25.88
CA ARG A 141 -15.43 -16.12 24.92
C ARG A 141 -16.32 -15.02 25.49
N VAL A 142 -16.04 -14.59 26.71
CA VAL A 142 -16.58 -13.34 27.24
C VAL A 142 -15.47 -12.53 27.88
N VAL A 143 -15.41 -11.24 27.54
CA VAL A 143 -14.37 -10.40 28.16
C VAL A 143 -15.01 -9.28 28.96
N SER A 144 -14.59 -9.14 30.22
CA SER A 144 -15.05 -8.05 31.07
C SER A 144 -14.36 -6.74 30.74
N ILE A 145 -15.12 -5.66 30.79
CA ILE A 145 -14.63 -4.30 30.60
C ILE A 145 -15.12 -3.42 31.75
N PRO A 168 -9.61 4.29 19.30
CA PRO A 168 -9.70 4.49 17.85
C PRO A 168 -10.90 3.78 17.25
N TRP A 169 -11.54 4.40 16.27
CA TRP A 169 -12.55 3.72 15.46
C TRP A 169 -12.00 2.37 15.01
N HIS A 170 -12.80 1.32 15.15
CA HIS A 170 -12.35 0.00 14.77
C HIS A 170 -13.53 -0.94 14.55
N SER A 171 -13.25 -2.05 13.87
CA SER A 171 -14.19 -3.15 13.80
C SER A 171 -13.41 -4.45 14.01
N ASP A 172 -13.89 -5.28 14.94
CA ASP A 172 -13.19 -6.49 15.32
C ASP A 172 -13.32 -7.60 14.28
N ALA A 173 -12.59 -8.69 14.50
CA ALA A 173 -12.53 -9.81 13.55
C ALA A 173 -13.86 -10.54 13.26
N PRO A 174 -14.67 -10.86 14.28
CA PRO A 174 -15.87 -11.66 13.97
C PRO A 174 -16.95 -10.87 13.25
N ASP A 175 -17.98 -11.58 12.79
CA ASP A 175 -19.10 -10.95 12.09
C ASP A 175 -19.81 -9.92 12.97
N ILE A 176 -20.08 -10.34 14.21
CA ILE A 176 -20.86 -9.53 15.15
C ILE A 176 -20.12 -9.33 16.46
N ALA A 177 -20.06 -8.09 16.91
CA ALA A 177 -19.56 -7.81 18.26
C ALA A 177 -20.70 -7.39 19.16
N ALA A 178 -20.77 -8.00 20.34
CA ALA A 178 -21.83 -7.74 21.29
C ALA A 178 -21.28 -7.17 22.59
N LEU A 179 -22.00 -6.19 23.14
CA LEU A 179 -21.58 -5.50 24.35
C LEU A 179 -22.75 -5.30 25.30
N LEU A 180 -22.75 -6.04 26.41
CA LEU A 180 -23.85 -5.94 27.39
C LEU A 180 -23.45 -5.17 28.64
N CYS A 181 -24.27 -4.23 29.05
CA CYS A 181 -24.02 -3.52 30.24
C CYS A 181 -24.58 -4.26 31.46
N LEU A 182 -23.71 -4.51 32.44
CA LEU A 182 -24.14 -5.01 33.74
C LEU A 182 -24.39 -3.85 34.70
N THR A 183 -23.44 -2.93 34.79
CA THR A 183 -23.56 -1.75 35.64
C THR A 183 -23.10 -0.54 34.84
N GLN A 184 -23.59 0.64 35.20
CA GLN A 184 -23.23 1.84 34.44
C GLN A 184 -23.00 3.07 35.34
N GLU A 190 -20.35 6.55 26.61
CA GLU A 190 -20.89 6.72 25.28
C GLU A 190 -20.29 5.82 24.21
N PHE A 191 -21.15 5.11 23.51
CA PHE A 191 -20.80 4.19 22.44
C PHE A 191 -21.16 4.81 21.09
N HIS A 192 -20.20 4.85 20.18
CA HIS A 192 -20.40 5.45 18.87
C HIS A 192 -20.27 4.42 17.76
N VAL A 193 -21.12 4.54 16.74
CA VAL A 193 -21.12 3.63 15.60
C VAL A 193 -21.18 4.41 14.30
N ALA A 194 -20.43 3.97 13.30
CA ALA A 194 -20.51 4.57 11.96
C ALA A 194 -20.60 3.49 10.90
N SER A 195 -21.10 3.87 9.73
CA SER A 195 -21.21 2.96 8.59
C SER A 195 -19.92 2.92 7.77
N ALA A 196 -19.32 1.75 7.66
CA ALA A 196 -18.09 1.58 6.88
C ALA A 196 -18.37 1.73 5.39
N MSE A 197 -19.60 1.42 5.00
CA MSE A 197 -20.02 1.55 3.61
C MSE A 197 -20.09 3.03 3.22
O MSE A 197 -19.58 3.43 2.16
CB MSE A 197 -21.36 0.86 3.40
CG MSE A 197 -21.39 -0.58 3.89
SE MSE A 197 -20.21 -1.78 2.89
CE MSE A 197 -18.61 -1.75 4.02
N HIS A 198 -20.73 3.84 4.07
CA HIS A 198 -20.75 5.29 3.87
C HIS A 198 -19.35 5.90 3.87
N ILE A 199 -18.48 5.40 4.75
CA ILE A 199 -17.09 5.84 4.80
C ILE A 199 -16.43 5.54 3.47
N TYR A 200 -16.71 4.36 2.93
CA TYR A 200 -16.20 3.99 1.61
C TYR A 200 -16.69 4.95 0.53
N ASN A 201 -17.97 5.29 0.55
CA ASN A 201 -18.52 6.22 -0.44
C ASN A 201 -17.83 7.59 -0.34
N THR A 202 -17.60 8.02 0.89
CA THR A 202 -16.97 9.30 1.16
C THR A 202 -15.54 9.28 0.63
N LEU A 203 -14.87 8.14 0.78
CA LEU A 203 -13.52 7.99 0.23
C LEU A 203 -13.54 8.03 -1.29
N LEU A 204 -14.59 7.44 -1.87
CA LEU A 204 -14.78 7.47 -3.32
C LEU A 204 -14.90 8.90 -3.82
N GLN A 205 -15.61 9.75 -3.06
CA GLN A 205 -15.78 11.14 -3.46
C GLN A 205 -14.53 11.99 -3.22
N GLU A 206 -14.00 11.96 -2.00
CA GLU A 206 -13.01 12.92 -1.56
C GLU A 206 -11.58 12.49 -1.82
N ALA A 207 -11.32 11.19 -1.78
CA ALA A 207 -9.95 10.69 -1.95
C ALA A 207 -9.89 9.31 -2.61
N PRO A 208 -10.34 9.21 -3.86
CA PRO A 208 -10.35 7.90 -4.52
C PRO A 208 -8.94 7.36 -4.77
N GLU A 209 -7.96 8.26 -4.84
CA GLU A 209 -6.57 7.86 -5.06
C GLU A 209 -6.00 7.03 -3.90
N LEU A 210 -6.74 6.95 -2.80
CA LEU A 210 -6.29 6.17 -1.65
C LEU A 210 -6.92 4.78 -1.63
N LEU A 211 -7.93 4.57 -2.47
CA LEU A 211 -8.76 3.37 -2.36
C LEU A 211 -7.94 2.08 -2.41
N GLY A 212 -7.05 1.98 -3.38
CA GLY A 212 -6.19 0.80 -3.54
C GLY A 212 -5.44 0.44 -2.28
N LEU A 213 -4.97 1.45 -1.55
CA LEU A 213 -4.22 1.21 -0.33
C LEU A 213 -5.06 0.38 0.64
N TYR A 214 -6.34 0.72 0.76
CA TYR A 214 -7.20 0.02 1.69
C TYR A 214 -7.35 -1.43 1.26
N TYR A 215 -7.33 -1.66 -0.05
CA TYR A 215 -7.45 -3.01 -0.57
C TYR A 215 -6.18 -3.81 -0.29
N ALA A 216 -5.06 -3.12 -0.20
CA ALA A 216 -3.80 -3.77 0.11
C ALA A 216 -3.74 -4.08 1.60
N GLY A 217 -4.29 -3.18 2.40
CA GLY A 217 -4.35 -3.37 3.83
C GLY A 217 -3.02 -3.10 4.49
N VAL A 218 -2.98 -3.24 5.81
CA VAL A 218 -1.75 -2.96 6.53
C VAL A 218 -1.37 -4.11 7.46
N PHE A 219 -0.16 -4.07 8.01
CA PHE A 219 0.30 -5.10 8.92
C PHE A 219 -0.18 -4.85 10.34
N PHE A 220 -0.71 -5.90 10.96
CA PHE A 220 -1.17 -5.84 12.33
C PHE A 220 -0.41 -6.84 13.19
N ASP A 221 -0.07 -6.41 14.40
CA ASP A 221 0.69 -7.26 15.29
C ASP A 221 -0.11 -8.51 15.60
N TYR A 222 0.57 -9.63 15.55
CA TYR A 222 0.01 -10.93 15.88
C TYR A 222 -0.35 -10.94 17.36
N ARG A 223 0.50 -10.30 18.16
CA ARG A 223 0.40 -10.35 19.60
C ARG A 223 1.16 -11.56 20.14
N GLY A 224 1.84 -12.28 19.26
CA GLY A 224 2.65 -13.41 19.66
C GLY A 224 2.06 -14.77 19.27
N GLU A 225 0.84 -14.79 18.71
CA GLU A 225 0.23 -16.08 18.35
C GLU A 225 0.60 -16.43 16.94
N GLU A 226 1.62 -15.76 16.40
CA GLU A 226 2.03 -16.08 15.06
C GLU A 226 2.52 -17.51 15.12
N PRO A 227 2.09 -18.31 14.16
CA PRO A 227 2.53 -19.69 14.07
C PRO A 227 4.03 -19.55 13.96
N PRO A 228 4.75 -20.35 14.73
CA PRO A 228 6.14 -20.02 15.07
C PRO A 228 6.91 -19.66 13.81
N GLY A 229 6.56 -20.27 12.70
CA GLY A 229 7.24 -20.02 11.45
C GLY A 229 7.23 -18.59 10.93
N GLU A 230 6.08 -17.91 11.01
CA GLU A 230 5.81 -16.59 10.40
C GLU A 230 6.26 -15.29 11.10
N PRO A 231 6.23 -14.16 10.39
CA PRO A 231 6.59 -12.85 10.98
C PRO A 231 5.60 -12.29 12.02
N PRO A 232 6.06 -11.50 12.97
CA PRO A 232 5.26 -11.29 14.19
C PRO A 232 3.90 -10.76 13.78
N ALA A 233 3.84 -10.16 12.60
CA ALA A 233 2.69 -9.39 12.17
C ALA A 233 2.12 -9.96 10.87
N TYR A 234 0.81 -9.77 10.66
CA TYR A 234 0.14 -10.30 9.47
C TYR A 234 -0.53 -9.18 8.68
N ARG A 235 -0.70 -9.37 7.38
CA ARG A 235 -1.33 -8.32 6.57
C ARG A 235 -2.85 -8.47 6.52
N ASN A 236 -3.55 -7.42 6.92
CA ASN A 236 -5.00 -7.41 6.88
C ASN A 236 -5.55 -6.29 6.00
N ALA A 237 -6.33 -6.70 5.00
CA ALA A 237 -7.02 -5.77 4.11
C ALA A 237 -8.11 -5.01 4.85
N ILE A 238 -8.30 -3.75 4.51
CA ILE A 238 -9.29 -2.91 5.15
C ILE A 238 -10.60 -2.94 4.37
N PHE A 239 -10.51 -2.96 3.04
CA PHE A 239 -11.69 -3.13 2.21
C PHE A 239 -11.51 -4.31 1.28
N GLY A 240 -12.61 -5.01 1.01
CA GLY A 240 -12.57 -6.11 0.07
C GLY A 240 -13.85 -6.14 -0.75
N TYR A 241 -13.76 -6.51 -2.00
CA TYR A 241 -14.93 -6.61 -2.81
C TYR A 241 -14.96 -7.92 -3.51
N HIS A 242 -15.84 -8.83 -3.08
CA HIS A 242 -15.95 -10.12 -3.75
C HIS A 242 -17.38 -10.68 -3.71
N ASN A 243 -17.86 -11.19 -4.84
CA ASN A 243 -19.18 -11.78 -4.89
C ASN A 243 -20.27 -10.76 -4.90
N GLY A 244 -19.94 -9.58 -5.33
CA GLY A 244 -20.87 -8.48 -5.43
C GLY A 244 -20.94 -7.65 -4.16
N GLN A 245 -20.27 -8.12 -3.11
CA GLN A 245 -20.35 -7.47 -1.81
C GLN A 245 -19.04 -6.86 -1.31
N LEU A 246 -19.12 -5.60 -0.92
CA LEU A 246 -18.02 -4.88 -0.27
C LEU A 246 -18.07 -5.17 1.23
N SER A 247 -16.90 -5.46 1.81
CA SER A 247 -16.80 -5.64 3.24
C SER A 247 -15.61 -4.88 3.78
N CYS A 248 -15.65 -4.60 5.08
CA CYS A 248 -14.61 -3.84 5.72
C CYS A 248 -14.15 -4.49 7.03
N ARG A 249 -12.85 -4.41 7.29
CA ARG A 249 -12.31 -4.59 8.64
C ARG A 249 -11.29 -3.52 8.92
N TYR A 250 -11.45 -2.82 10.04
CA TYR A 250 -10.52 -1.77 10.41
C TYR A 250 -10.00 -2.09 11.81
N PHE A 251 -9.03 -2.99 11.86
CA PHE A 251 -8.51 -3.49 13.14
C PHE A 251 -7.86 -2.38 13.95
N LEU A 252 -7.60 -2.63 15.22
CA LEU A 252 -7.07 -1.63 16.13
C LEU A 252 -5.75 -1.05 15.59
N ARG A 253 -5.67 0.27 15.55
CA ARG A 253 -4.56 0.95 14.88
C ARG A 253 -3.24 0.83 15.65
N ASN A 254 -3.33 0.74 16.95
CA ASN A 254 -2.18 0.61 17.78
C ASN A 254 -1.45 -0.69 17.44
N PHE A 255 -2.18 -1.70 17.08
CA PHE A 255 -1.62 -2.98 16.67
C PHE A 255 -1.07 -2.94 15.25
N ALA A 256 -1.54 -1.97 14.47
CA ALA A 256 -0.97 -1.74 13.15
C ALA A 256 0.43 -1.15 13.33
N ASP A 257 0.55 -0.16 14.19
CA ASP A 257 1.84 0.49 14.43
C ASP A 257 2.80 -0.48 15.11
N SER A 258 2.35 -1.07 16.22
CA SER A 258 3.04 -2.18 16.86
C SER A 258 3.54 -3.22 15.85
N GLY A 259 2.64 -3.64 14.96
CA GLY A 259 2.94 -4.71 14.04
C GLY A 259 3.99 -4.36 13.02
N THR A 260 3.92 -3.15 12.47
CA THR A 260 4.92 -2.71 11.51
C THR A 260 6.26 -2.50 12.21
N ALA A 261 6.20 -1.98 13.43
CA ALA A 261 7.37 -1.82 14.28
C ALA A 261 8.12 -3.14 14.47
N LYS A 262 7.39 -4.20 14.78
CA LYS A 262 8.01 -5.48 15.02
C LYS A 262 8.77 -5.89 13.76
N LEU A 263 8.19 -5.59 12.61
CA LEU A 263 8.78 -5.99 11.34
C LEU A 263 10.01 -5.16 11.00
N GLY A 264 10.24 -4.10 11.78
CA GLY A 264 11.39 -3.26 11.58
C GLY A 264 11.20 -2.35 10.38
N PHE A 265 9.98 -1.85 10.22
CA PHE A 265 9.63 -0.99 9.09
C PHE A 265 9.00 0.31 9.54
N GLU A 266 9.10 1.33 8.69
CA GLU A 266 8.45 2.60 8.98
C GLU A 266 7.21 2.77 8.13
N GLN A 267 6.08 3.04 8.76
CA GLN A 267 4.86 3.20 8.01
C GLN A 267 5.00 4.29 6.99
N PRO A 268 4.65 3.99 5.74
CA PRO A 268 4.65 5.01 4.69
C PRO A 268 3.67 6.14 5.00
N GLU A 269 4.05 7.38 4.73
CA GLU A 269 3.20 8.53 4.99
C GLU A 269 1.81 8.42 4.36
N VAL A 270 1.75 7.96 3.12
CA VAL A 270 0.47 7.84 2.41
C VAL A 270 -0.46 6.84 3.14
N GLU A 271 0.15 5.89 3.83
CA GLU A 271 -0.60 4.89 4.61
C GLU A 271 -1.22 5.52 5.86
N LYS A 272 -0.46 6.37 6.54
CA LYS A 272 -1.00 7.05 7.71
C LYS A 272 -2.05 8.05 7.26
N LEU A 273 -1.89 8.59 6.05
CA LEU A 273 -2.88 9.48 5.48
C LEU A 273 -4.18 8.71 5.27
N ALA A 274 -4.08 7.52 4.68
CA ALA A 274 -5.25 6.67 4.45
C ALA A 274 -5.99 6.36 5.75
N LEU A 275 -5.24 5.89 6.75
CA LEU A 275 -5.82 5.56 8.06
C LEU A 275 -6.48 6.78 8.73
N ASP A 276 -5.74 7.88 8.78
CA ASP A 276 -6.25 9.12 9.38
C ASP A 276 -7.49 9.62 8.66
N THR A 277 -7.53 9.46 7.34
CA THR A 277 -8.66 9.91 6.55
C THR A 277 -9.90 9.08 6.86
N PHE A 278 -9.73 7.76 6.87
CA PHE A 278 -10.77 6.83 7.32
C PHE A 278 -11.39 7.31 8.64
N GLU A 279 -10.53 7.47 9.64
CA GLU A 279 -10.99 7.80 10.99
C GLU A 279 -11.60 9.20 11.08
N GLU A 280 -11.05 10.13 10.32
CA GLU A 280 -11.55 11.51 10.30
C GLU A 280 -12.96 11.52 9.73
N ILE A 281 -13.17 10.73 8.68
CA ILE A 281 -14.50 10.62 8.07
C ILE A 281 -15.47 10.01 9.07
N ALA A 282 -15.04 8.95 9.76
CA ALA A 282 -15.90 8.34 10.78
C ALA A 282 -16.23 9.31 11.92
N SER A 283 -15.29 10.21 12.24
CA SER A 283 -15.42 11.08 13.40
C SER A 283 -16.27 12.32 13.16
N ARG A 284 -16.61 12.59 11.90
CA ARG A 284 -17.49 13.70 11.58
C ARG A 284 -18.85 13.48 12.24
N PRO A 285 -19.36 14.51 12.94
CA PRO A 285 -20.61 14.43 13.71
C PRO A 285 -21.78 13.87 12.91
N GLU A 286 -21.88 14.26 11.65
CA GLU A 286 -22.98 13.81 10.80
C GLU A 286 -22.82 12.36 10.34
N ASN A 287 -21.67 11.75 10.63
CA ASN A 287 -21.40 10.41 10.14
C ASN A 287 -21.51 9.27 11.16
N HIS A 288 -21.68 9.60 12.43
CA HIS A 288 -21.81 8.55 13.44
C HIS A 288 -22.96 8.79 14.41
N VAL A 289 -23.48 7.71 14.98
CA VAL A 289 -24.54 7.80 15.98
C VAL A 289 -23.97 7.41 17.35
N SER A 290 -24.50 8.04 18.40
CA SER A 290 -24.01 7.82 19.74
C SER A 290 -25.14 7.35 20.66
N MSE A 291 -24.79 6.55 21.65
CA MSE A 291 -25.77 6.03 22.60
C MSE A 291 -25.13 5.76 23.95
O MSE A 291 -23.91 5.65 24.05
CB MSE A 291 -26.39 4.74 22.05
CG MSE A 291 -25.42 3.58 21.96
SE MSE A 291 -25.68 2.47 20.38
CE MSE A 291 -25.35 3.82 19.00
N ARG A 292 -25.97 5.62 24.97
CA ARG A 292 -25.49 5.23 26.31
C ARG A 292 -26.23 3.98 26.79
N LEU A 293 -25.48 2.93 27.11
CA LEU A 293 -26.08 1.69 27.54
C LEU A 293 -26.53 1.69 28.99
N GLU A 294 -27.72 1.22 29.24
CA GLU A 294 -28.23 1.04 30.60
C GLU A 294 -28.09 -0.43 30.94
N PRO A 295 -28.16 -0.78 32.24
CA PRO A 295 -28.07 -2.20 32.59
C PRO A 295 -29.13 -3.04 31.88
N GLY A 296 -28.72 -4.15 31.28
CA GLY A 296 -29.62 -4.97 30.51
C GLY A 296 -29.59 -4.68 29.02
N ASP A 297 -28.93 -3.58 28.62
CA ASP A 297 -28.78 -3.24 27.21
C ASP A 297 -27.59 -3.97 26.60
N MSE A 298 -27.84 -4.66 25.48
CA MSE A 298 -26.81 -5.36 24.74
C MSE A 298 -26.73 -4.77 23.33
O MSE A 298 -27.60 -5.02 22.50
CB MSE A 298 -27.11 -6.85 24.70
CG MSE A 298 -26.02 -7.72 24.10
SE MSE A 298 -26.47 -9.63 24.11
CE MSE A 298 -26.83 -9.86 26.01
N GLN A 299 -25.68 -4.00 23.06
CA GLN A 299 -25.48 -3.41 21.74
C GLN A 299 -24.75 -4.39 20.82
N LEU A 300 -25.31 -4.60 19.64
CA LEU A 300 -24.68 -5.48 18.66
C LEU A 300 -24.32 -4.71 17.39
N VAL A 301 -23.06 -4.86 16.96
CA VAL A 301 -22.58 -4.21 15.75
C VAL A 301 -22.11 -5.27 14.76
N ASP A 302 -22.35 -5.01 13.48
CA ASP A 302 -21.93 -5.92 12.43
C ASP A 302 -20.61 -5.42 11.86
N ASP A 303 -19.54 -6.18 12.08
CA ASP A 303 -18.20 -5.72 11.75
C ASP A 303 -17.93 -5.69 10.26
N ASN A 304 -18.82 -6.31 9.47
CA ASN A 304 -18.68 -6.28 8.02
C ASN A 304 -18.99 -4.90 7.44
N VAL A 305 -19.90 -4.18 8.08
CA VAL A 305 -20.44 -2.95 7.50
C VAL A 305 -20.36 -1.73 8.41
N THR A 306 -19.96 -1.93 9.66
CA THR A 306 -19.83 -0.80 10.59
C THR A 306 -18.47 -0.73 11.25
N VAL A 307 -18.20 0.41 11.89
CA VAL A 307 -17.04 0.59 12.75
C VAL A 307 -17.53 1.28 14.03
N HIS A 308 -16.90 1.02 15.16
CA HIS A 308 -17.40 1.54 16.43
C HIS A 308 -16.29 2.04 17.34
N ARG A 309 -16.70 2.71 18.42
CA ARG A 309 -15.74 3.35 19.31
C ARG A 309 -16.35 3.58 20.70
N ARG A 310 -15.59 3.30 21.75
CA ARG A 310 -15.99 3.64 23.11
C ARG A 310 -15.22 4.86 23.58
N HIS A 326 -19.22 -1.77 34.32
CA HIS A 326 -18.94 -3.14 33.93
C HIS A 326 -19.74 -3.57 32.70
N LEU A 327 -19.02 -4.04 31.67
CA LEU A 327 -19.63 -4.51 30.44
C LEU A 327 -19.05 -5.88 30.11
N LEU A 328 -19.84 -6.74 29.48
CA LEU A 328 -19.26 -7.97 28.96
C LEU A 328 -19.31 -7.96 27.44
N ARG A 329 -18.24 -8.46 26.83
CA ARG A 329 -18.15 -8.48 25.37
C ARG A 329 -18.12 -9.91 24.85
N LEU A 330 -18.93 -10.12 23.81
CA LEU A 330 -19.05 -11.41 23.13
C LEU A 330 -18.72 -11.25 21.65
N TRP A 331 -18.06 -12.25 21.07
CA TRP A 331 -17.72 -12.25 19.66
C TRP A 331 -18.46 -13.38 18.94
N ILE A 332 -19.15 -13.04 17.86
CA ILE A 332 -20.02 -14.00 17.18
C ILE A 332 -19.76 -14.08 15.67
N ASN A 333 -19.56 -15.30 15.17
CA ASN A 333 -19.61 -15.54 13.72
C ASN A 333 -20.97 -16.15 13.34
N VAL A 334 -21.52 -15.72 12.22
CA VAL A 334 -22.82 -16.22 11.76
C VAL A 334 -22.70 -17.38 10.78
N GLU B 23 0.36 16.00 -1.05
CA GLU B 23 1.48 15.08 -1.23
C GLU B 23 1.30 14.22 -2.47
N ILE B 24 0.05 14.01 -2.84
CA ILE B 24 -0.26 13.24 -4.05
C ILE B 24 -0.74 14.17 -5.16
N LEU B 25 -0.14 14.04 -6.34
CA LEU B 25 -0.52 14.88 -7.45
C LEU B 25 -1.84 14.37 -8.03
N LYS B 26 -2.86 15.20 -7.98
CA LYS B 26 -4.18 14.82 -8.41
C LYS B 26 -4.60 15.33 -9.74
N LYS B 27 -3.73 16.05 -10.39
CA LYS B 27 -3.97 16.62 -11.70
C LYS B 27 -2.81 16.28 -12.63
N PRO B 28 -3.03 16.30 -13.96
CA PRO B 28 -1.96 15.83 -14.85
C PRO B 28 -0.64 16.58 -14.71
N VAL B 29 0.47 15.85 -14.78
CA VAL B 29 1.80 16.46 -14.78
C VAL B 29 2.07 17.08 -16.15
N THR B 30 2.74 18.23 -16.16
CA THR B 30 3.12 18.91 -17.41
C THR B 30 4.63 19.11 -17.51
N GLY B 31 5.11 19.35 -18.72
CA GLY B 31 6.53 19.57 -18.95
C GLY B 31 7.07 18.83 -20.16
N ARG B 32 8.35 19.06 -20.47
CA ARG B 32 8.98 18.49 -21.65
C ARG B 32 9.21 16.99 -21.53
N SER B 33 9.15 16.48 -20.31
CA SER B 33 9.33 15.06 -20.07
C SER B 33 8.03 14.27 -20.22
N VAL B 34 6.92 14.96 -20.46
CA VAL B 34 5.65 14.28 -20.69
C VAL B 34 5.43 14.09 -22.18
N TRP B 35 5.59 12.87 -22.66
CA TRP B 35 5.49 12.63 -24.09
C TRP B 35 5.03 11.23 -24.46
N GLN B 36 4.60 11.09 -25.71
CA GLN B 36 4.36 9.79 -26.31
C GLN B 36 5.34 9.59 -27.46
N ARG B 37 5.22 8.48 -28.18
CA ARG B 37 6.22 8.09 -29.17
C ARG B 37 6.30 9.09 -30.34
N ALA B 38 5.17 9.68 -30.70
CA ALA B 38 5.12 10.63 -31.82
C ALA B 38 6.03 11.86 -31.63
N GLN B 39 6.17 12.32 -30.39
CA GLN B 39 6.92 13.55 -30.13
C GLN B 39 8.43 13.36 -30.07
N VAL B 40 8.89 12.11 -29.97
CA VAL B 40 10.32 11.84 -29.83
C VAL B 40 10.83 10.91 -30.91
N GLU B 41 9.93 10.51 -31.80
CA GLU B 41 10.29 9.55 -32.83
C GLU B 41 11.41 10.13 -33.68
N ASP B 42 11.32 11.43 -33.96
CA ASP B 42 12.39 12.12 -34.65
C ASP B 42 13.56 12.24 -33.69
N ALA B 43 14.51 11.31 -33.79
CA ALA B 43 15.61 11.24 -32.84
C ALA B 43 16.59 12.40 -32.96
N SER B 44 16.46 13.19 -34.02
CA SER B 44 17.36 14.32 -34.25
C SER B 44 17.19 15.40 -33.20
N GLN B 45 16.07 15.40 -32.49
CA GLN B 45 15.83 16.37 -31.43
C GLN B 45 16.64 16.07 -30.17
N TRP B 46 17.12 14.83 -30.04
CA TRP B 46 17.80 14.42 -28.83
C TRP B 46 19.02 13.56 -29.12
N THR B 47 19.53 13.68 -30.33
CA THR B 47 20.76 13.01 -30.71
C THR B 47 21.89 14.03 -30.80
N TYR B 48 23.02 13.71 -30.17
CA TYR B 48 24.14 14.63 -30.15
C TYR B 48 25.42 13.94 -30.66
N VAL B 49 26.00 14.49 -31.72
CA VAL B 49 27.09 13.83 -32.42
C VAL B 49 28.44 14.48 -32.13
N LEU B 50 29.38 13.69 -31.62
CA LEU B 50 30.75 14.14 -31.43
C LEU B 50 31.49 14.22 -32.76
N ASP B 51 32.06 15.37 -33.07
CA ASP B 51 32.87 15.53 -34.27
C ASP B 51 34.33 15.17 -33.99
N GLU B 52 35.18 15.26 -35.00
CA GLU B 52 36.56 14.79 -34.90
C GLU B 52 37.33 15.52 -33.80
N GLY B 53 37.13 16.82 -33.70
CA GLY B 53 37.76 17.60 -32.64
C GLY B 53 37.42 17.08 -31.25
N MSE B 54 36.13 16.82 -31.03
CA MSE B 54 35.64 16.38 -29.74
C MSE B 54 36.15 14.97 -29.40
O MSE B 54 36.58 14.72 -28.26
CB MSE B 54 34.11 16.41 -29.73
CG MSE B 54 33.53 17.82 -29.81
SE MSE B 54 31.62 17.85 -30.21
CE MSE B 54 31.39 19.78 -30.44
N ARG B 55 36.08 14.08 -30.38
CA ARG B 55 36.67 12.73 -30.26
C ARG B 55 38.13 12.79 -29.84
N ALA B 56 38.87 13.66 -30.53
CA ALA B 56 40.29 13.86 -30.25
C ALA B 56 40.52 14.37 -28.83
N GLU B 57 39.73 15.34 -28.41
CA GLU B 57 39.85 15.89 -27.06
C GLU B 57 39.59 14.84 -25.99
N ILE B 58 38.57 14.02 -26.20
CA ILE B 58 38.22 12.99 -25.23
C ILE B 58 39.32 11.92 -25.17
N LEU B 59 39.76 11.47 -26.33
CA LEU B 59 40.85 10.49 -26.40
C LEU B 59 42.11 11.01 -25.73
N GLU B 60 42.40 12.28 -25.98
CA GLU B 60 43.58 12.93 -25.41
C GLU B 60 43.49 13.01 -23.90
N ALA B 61 42.29 13.33 -23.40
CA ALA B 61 42.05 13.40 -21.96
C ALA B 61 42.25 12.04 -21.30
N ALA B 62 41.69 11.01 -21.92
CA ALA B 62 41.83 9.64 -21.41
C ALA B 62 43.29 9.22 -21.42
N GLU B 63 43.97 9.54 -22.51
CA GLU B 63 45.38 9.26 -22.68
C GLU B 63 46.20 9.91 -21.57
N ARG B 64 45.93 11.18 -21.28
CA ARG B 64 46.66 11.87 -20.22
C ARG B 64 46.33 11.31 -18.84
N ILE B 65 45.10 10.85 -18.65
CA ILE B 65 44.76 10.21 -17.38
C ILE B 65 45.55 8.91 -17.22
N ASN B 66 45.68 8.16 -18.30
CA ASN B 66 46.40 6.89 -18.27
C ASN B 66 47.92 7.07 -18.15
N GLU B 67 48.43 8.17 -18.69
CA GLU B 67 49.87 8.43 -18.69
C GLU B 67 50.32 8.92 -17.32
N GLN B 68 49.38 9.42 -16.53
CA GLN B 68 49.68 9.93 -15.22
C GLN B 68 49.29 8.94 -14.13
N GLY B 69 48.82 7.77 -14.56
CA GLY B 69 48.42 6.72 -13.64
C GLY B 69 47.28 7.13 -12.72
N LEU B 70 46.42 8.02 -13.21
CA LEU B 70 45.26 8.45 -12.45
C LEU B 70 44.07 7.52 -12.65
N THR B 71 43.10 7.61 -11.75
CA THR B 71 41.85 6.88 -11.89
C THR B 71 40.74 7.90 -12.16
N VAL B 72 40.08 7.76 -13.30
CA VAL B 72 39.11 8.75 -13.76
C VAL B 72 37.97 8.96 -12.76
N TRP B 73 37.70 7.95 -11.95
CA TRP B 73 36.61 7.99 -10.97
C TRP B 73 36.95 8.89 -9.78
N ASP B 74 38.23 9.21 -9.62
CA ASP B 74 38.66 10.02 -8.49
C ASP B 74 38.74 11.47 -8.91
N LEU B 75 38.56 11.70 -10.21
CA LEU B 75 38.67 13.04 -10.76
C LEU B 75 37.34 13.76 -10.82
N ASP B 76 37.42 15.05 -11.13
CA ASP B 76 36.28 15.91 -11.31
C ASP B 76 36.34 16.61 -12.67
N ARG B 77 35.37 17.44 -13.00
CA ARG B 77 35.34 18.00 -14.35
C ARG B 77 36.33 19.15 -14.63
N LYS B 78 36.69 19.88 -13.59
CA LYS B 78 37.69 20.93 -13.71
C LYS B 78 39.00 20.27 -14.12
N ALA B 79 39.26 19.11 -13.53
CA ALA B 79 40.52 18.41 -13.72
C ALA B 79 40.66 17.88 -15.16
N VAL B 80 39.53 17.53 -15.77
CA VAL B 80 39.52 17.07 -17.16
C VAL B 80 38.63 17.97 -18.02
N PRO B 81 39.12 19.16 -18.38
CA PRO B 81 38.29 20.05 -19.19
C PRO B 81 38.11 19.56 -20.62
N LEU B 82 36.93 19.78 -21.18
CA LEU B 82 36.66 19.44 -22.58
C LEU B 82 35.96 20.64 -23.21
N GLU B 83 36.73 21.56 -23.75
CA GLU B 83 36.20 22.85 -24.20
C GLU B 83 35.03 22.72 -25.18
N ARG B 84 35.23 21.93 -26.24
CA ARG B 84 34.17 21.75 -27.22
C ARG B 84 33.24 20.60 -26.90
N ALA B 85 33.77 19.50 -26.35
CA ALA B 85 32.94 18.32 -26.11
C ALA B 85 32.04 18.52 -24.88
N GLY B 86 32.55 19.29 -23.92
CA GLY B 86 31.83 19.59 -22.69
C GLY B 86 30.55 20.32 -23.01
N LYS B 87 30.62 21.15 -24.06
CA LYS B 87 29.45 21.80 -24.62
C LYS B 87 28.34 20.80 -24.94
N LEU B 88 28.69 19.81 -25.75
CA LEU B 88 27.71 18.85 -26.25
C LEU B 88 27.16 17.97 -25.13
N VAL B 89 28.04 17.54 -24.24
CA VAL B 89 27.63 16.71 -23.13
C VAL B 89 26.71 17.52 -22.20
N ALA B 90 26.98 18.82 -22.10
CA ALA B 90 26.12 19.71 -21.32
C ALA B 90 24.75 19.81 -21.96
N GLN B 91 24.71 19.81 -23.30
CA GLN B 91 23.42 19.80 -23.99
C GLN B 91 22.67 18.55 -23.61
N CYS B 92 23.40 17.45 -23.56
CA CYS B 92 22.84 16.17 -23.18
C CYS B 92 22.21 16.21 -21.80
N VAL B 93 22.96 16.75 -20.83
CA VAL B 93 22.46 16.88 -19.47
C VAL B 93 21.19 17.72 -19.46
N GLU B 94 21.18 18.78 -20.28
CA GLU B 94 20.01 19.64 -20.38
C GLU B 94 18.79 18.88 -20.89
N GLN B 95 19.00 18.08 -21.93
CA GLN B 95 17.94 17.26 -22.46
C GLN B 95 17.42 16.25 -21.44
N LEU B 96 18.33 15.69 -20.65
CA LEU B 96 17.99 14.68 -19.67
C LEU B 96 17.20 15.22 -18.46
N GLU B 97 17.72 16.28 -17.85
CA GLU B 97 17.13 16.83 -16.63
C GLU B 97 16.01 17.84 -16.88
N HIS B 98 15.99 18.48 -18.04
CA HIS B 98 14.99 19.51 -18.32
C HIS B 98 14.24 19.31 -19.63
N GLY B 99 14.66 18.33 -20.43
CA GLY B 99 14.01 18.06 -21.70
C GLY B 99 13.20 16.79 -21.72
N PHE B 100 13.33 16.03 -22.81
CA PHE B 100 12.57 14.79 -22.97
C PHE B 100 12.91 13.76 -21.91
N GLY B 101 14.15 13.78 -21.44
CA GLY B 101 14.62 12.84 -20.44
C GLY B 101 15.66 11.88 -21.00
N LEU B 102 15.61 11.67 -22.31
CA LEU B 102 16.55 10.80 -22.98
C LEU B 102 17.42 11.57 -23.96
N ALA B 103 18.60 11.04 -24.25
CA ALA B 103 19.53 11.69 -25.18
C ALA B 103 20.56 10.69 -25.68
N MSE B 104 20.95 10.80 -26.94
CA MSE B 104 21.99 9.91 -27.45
C MSE B 104 23.22 10.69 -27.87
O MSE B 104 23.15 11.64 -28.64
CB MSE B 104 21.50 9.09 -28.63
CG MSE B 104 22.60 8.29 -29.30
SE MSE B 104 21.98 7.02 -30.64
CE MSE B 104 20.94 8.25 -31.75
N LEU B 105 24.36 10.27 -27.34
CA LEU B 105 25.64 10.85 -27.70
C LEU B 105 26.33 9.89 -28.66
N ARG B 106 26.51 10.32 -29.91
CA ARG B 106 27.08 9.43 -30.93
C ARG B 106 28.55 9.77 -31.21
N GLY B 107 29.30 8.77 -31.66
CA GLY B 107 30.68 8.99 -32.04
C GLY B 107 31.66 8.93 -30.87
N VAL B 108 31.26 8.31 -29.78
CA VAL B 108 32.17 8.08 -28.66
C VAL B 108 33.33 7.22 -29.15
N PRO B 109 34.55 7.76 -29.06
CA PRO B 109 35.73 7.18 -29.72
C PRO B 109 36.20 5.88 -29.08
N THR B 110 35.48 4.79 -29.34
CA THR B 110 35.79 3.48 -28.75
C THR B 110 36.46 2.54 -29.75
N GLU B 111 36.48 2.94 -31.01
CA GLU B 111 36.99 2.03 -32.02
C GLU B 111 38.44 1.73 -31.69
N GLY B 112 38.74 0.45 -31.73
CA GLY B 112 40.10 -0.06 -31.60
C GLY B 112 40.63 -0.10 -30.17
N LEU B 113 39.80 0.28 -29.21
CA LEU B 113 40.21 0.35 -27.81
C LEU B 113 39.91 -0.95 -27.08
N THR B 114 40.70 -1.25 -26.05
CA THR B 114 40.38 -2.34 -25.13
C THR B 114 39.21 -1.94 -24.26
N VAL B 115 38.60 -2.91 -23.59
CA VAL B 115 37.46 -2.65 -22.72
C VAL B 115 37.82 -1.65 -21.61
N ALA B 116 38.97 -1.83 -20.98
CA ALA B 116 39.42 -0.93 -19.91
C ALA B 116 39.64 0.51 -20.40
N GLU B 117 40.23 0.64 -21.59
CA GLU B 117 40.45 1.95 -22.19
C GLU B 117 39.12 2.63 -22.50
N SER B 118 38.18 1.85 -23.02
CA SER B 118 36.83 2.35 -23.31
C SER B 118 36.15 2.78 -22.01
N GLN B 119 36.38 2.03 -20.95
CA GLN B 119 35.88 2.37 -19.63
C GLN B 119 36.41 3.74 -19.19
N VAL B 120 37.68 4.01 -19.48
CA VAL B 120 38.26 5.30 -19.13
C VAL B 120 37.66 6.44 -19.99
N VAL B 121 37.50 6.19 -21.28
CA VAL B 121 36.91 7.20 -22.17
C VAL B 121 35.48 7.54 -21.77
N MSE B 122 34.71 6.51 -21.43
CA MSE B 122 33.37 6.68 -20.87
C MSE B 122 33.38 7.42 -19.55
O MSE B 122 32.46 8.17 -19.25
CB MSE B 122 32.66 5.33 -20.69
CG MSE B 122 31.15 5.42 -20.36
SE MSE B 122 30.42 3.61 -20.06
CE MSE B 122 28.48 3.79 -19.70
N GLY B 123 34.41 7.19 -18.74
CA GLY B 123 34.56 7.90 -17.49
C GLY B 123 34.77 9.39 -17.74
N VAL B 124 35.61 9.69 -18.74
CA VAL B 124 35.88 11.06 -19.15
C VAL B 124 34.58 11.77 -19.54
N VAL B 125 33.79 11.14 -20.42
CA VAL B 125 32.49 11.71 -20.77
C VAL B 125 31.59 11.85 -19.55
N GLY B 126 31.64 10.84 -18.67
CA GLY B 126 30.80 10.79 -17.49
C GLY B 126 31.03 11.93 -16.52
N LEU B 127 32.28 12.35 -16.39
CA LEU B 127 32.62 13.49 -15.54
C LEU B 127 31.86 14.76 -15.93
N HIS B 128 31.47 14.87 -17.20
CA HIS B 128 30.71 16.03 -17.66
C HIS B 128 29.20 15.76 -17.63
N LEU B 129 28.81 14.57 -17.20
CA LEU B 129 27.41 14.26 -16.99
C LEU B 129 27.03 14.54 -15.54
N GLY B 130 27.94 14.20 -14.64
CA GLY B 130 27.72 14.36 -13.22
C GLY B 130 28.66 13.47 -12.43
N THR B 131 28.16 12.93 -11.32
CA THR B 131 28.98 12.11 -10.45
C THR B 131 28.69 10.62 -10.65
N ALA B 132 29.72 9.87 -11.03
CA ALA B 132 29.58 8.42 -11.16
C ALA B 132 29.40 7.78 -9.80
N VAL B 133 28.49 6.80 -9.72
CA VAL B 133 28.19 6.15 -8.45
C VAL B 133 28.33 4.63 -8.55
N ALA B 134 28.47 3.98 -7.41
CA ALA B 134 28.66 2.54 -7.35
C ALA B 134 27.45 1.79 -7.87
N GLN B 135 27.69 0.72 -8.62
CA GLN B 135 26.61 -0.06 -9.20
C GLN B 135 26.43 -1.39 -8.47
N ASN B 136 27.45 -1.78 -7.71
CA ASN B 136 27.40 -3.01 -6.92
C ASN B 136 28.18 -2.91 -5.62
N GLY B 137 28.22 -4.01 -4.88
CA GLY B 137 28.93 -4.07 -3.62
C GLY B 137 30.44 -3.87 -3.76
N HIS B 138 30.96 -4.22 -4.93
CA HIS B 138 32.39 -4.09 -5.20
C HIS B 138 32.75 -2.64 -5.53
N GLY B 139 31.72 -1.78 -5.60
CA GLY B 139 31.91 -0.37 -5.85
C GLY B 139 32.26 -0.01 -7.28
N ASP B 140 31.91 -0.88 -8.21
CA ASP B 140 32.17 -0.65 -9.63
C ASP B 140 31.42 0.58 -10.14
N ARG B 141 32.09 1.38 -10.98
CA ARG B 141 31.43 2.52 -11.59
C ARG B 141 31.20 2.32 -13.08
N VAL B 142 31.67 1.20 -13.61
CA VAL B 142 31.27 0.74 -14.92
C VAL B 142 30.95 -0.74 -14.87
N VAL B 143 29.83 -1.13 -15.48
CA VAL B 143 29.48 -2.54 -15.51
C VAL B 143 29.43 -3.05 -16.96
N SER B 144 30.13 -4.14 -17.23
CA SER B 144 30.04 -4.77 -18.54
C SER B 144 28.75 -5.58 -18.64
N ILE B 145 28.11 -5.49 -19.80
CA ILE B 145 26.90 -6.23 -20.10
C ILE B 145 27.03 -6.93 -21.46
N PRO B 168 12.14 -6.47 -18.70
CA PRO B 168 11.11 -5.76 -17.94
C PRO B 168 11.38 -4.26 -17.88
N TRP B 169 10.33 -3.46 -18.07
CA TRP B 169 10.41 -2.03 -17.85
C TRP B 169 10.97 -1.69 -16.47
N HIS B 170 11.90 -0.73 -16.43
CA HIS B 170 12.48 -0.31 -15.16
C HIS B 170 13.18 1.04 -15.28
N SER B 171 13.42 1.67 -14.14
CA SER B 171 14.33 2.79 -14.03
C SER B 171 15.17 2.61 -12.77
N ASP B 172 16.49 2.67 -12.93
CA ASP B 172 17.41 2.44 -11.82
C ASP B 172 17.53 3.62 -10.87
N ALA B 173 18.27 3.42 -9.79
CA ALA B 173 18.43 4.40 -8.71
C ALA B 173 19.00 5.77 -9.11
N PRO B 174 20.09 5.81 -9.91
CA PRO B 174 20.66 7.14 -10.13
C PRO B 174 19.83 8.02 -11.05
N ASP B 175 20.16 9.31 -11.11
CA ASP B 175 19.46 10.25 -11.96
C ASP B 175 19.56 9.86 -13.44
N ILE B 176 20.75 9.49 -13.86
CA ILE B 176 21.00 9.19 -15.27
C ILE B 176 21.65 7.83 -15.43
N ALA B 177 21.09 7.01 -16.31
CA ALA B 177 21.73 5.76 -16.69
C ALA B 177 22.28 5.87 -18.10
N ALA B 178 23.53 5.47 -18.28
CA ALA B 178 24.19 5.56 -19.57
C ALA B 178 24.64 4.18 -20.06
N LEU B 179 24.51 3.95 -21.36
CA LEU B 179 24.83 2.67 -21.97
C LEU B 179 25.59 2.87 -23.29
N LEU B 180 26.88 2.52 -23.29
CA LEU B 180 27.71 2.70 -24.48
C LEU B 180 27.93 1.37 -25.19
N CYS B 181 27.68 1.39 -26.49
CA CYS B 181 27.88 0.23 -27.33
C CYS B 181 29.34 0.14 -27.78
N LEU B 182 29.98 -0.99 -27.48
CA LEU B 182 31.35 -1.24 -27.91
C LEU B 182 31.33 -2.09 -29.17
N THR B 183 30.46 -3.10 -29.18
CA THR B 183 30.27 -3.97 -30.33
C THR B 183 28.78 -4.17 -30.57
N PHE B 191 16.63 -1.15 -27.78
CA PHE B 191 16.47 -0.37 -26.56
C PHE B 191 15.19 0.47 -26.61
N HIS B 192 14.34 0.32 -25.61
CA HIS B 192 13.05 1.01 -25.58
C HIS B 192 12.97 1.99 -24.41
N VAL B 193 12.38 3.16 -24.65
CA VAL B 193 12.21 4.17 -23.62
C VAL B 193 10.78 4.70 -23.63
N ALA B 194 10.20 4.90 -22.44
CA ALA B 194 8.88 5.51 -22.33
C ALA B 194 8.88 6.58 -21.25
N SER B 195 7.92 7.50 -21.32
CA SER B 195 7.80 8.55 -20.31
C SER B 195 6.97 8.09 -19.11
N ALA B 196 7.59 8.10 -17.94
CA ALA B 196 6.91 7.71 -16.70
C ALA B 196 5.89 8.77 -16.28
N MSE B 197 6.11 10.00 -16.73
CA MSE B 197 5.19 11.10 -16.47
C MSE B 197 3.88 10.90 -17.26
O MSE B 197 2.78 11.13 -16.75
CB MSE B 197 5.83 12.43 -16.84
CG MSE B 197 7.23 12.63 -16.24
SE MSE B 197 7.22 12.88 -14.30
CE MSE B 197 7.50 11.03 -13.72
N HIS B 198 4.02 10.47 -18.51
CA HIS B 198 2.86 10.17 -19.35
C HIS B 198 2.12 8.99 -18.75
N ILE B 199 2.88 8.03 -18.21
CA ILE B 199 2.28 6.88 -17.54
C ILE B 199 1.45 7.37 -16.36
N TYR B 200 2.00 8.33 -15.61
CA TYR B 200 1.25 8.90 -14.50
C TYR B 200 -0.07 9.53 -14.96
N ASN B 201 -0.01 10.30 -16.04
CA ASN B 201 -1.23 10.90 -16.58
C ASN B 201 -2.26 9.85 -17.02
N THR B 202 -1.76 8.79 -17.63
CA THR B 202 -2.61 7.71 -18.10
C THR B 202 -3.27 7.01 -16.92
N LEU B 203 -2.53 6.83 -15.84
CA LEU B 203 -3.07 6.23 -14.61
C LEU B 203 -4.12 7.14 -14.00
N LEU B 204 -3.88 8.44 -14.10
CA LEU B 204 -4.81 9.44 -13.62
C LEU B 204 -6.14 9.31 -14.35
N GLN B 205 -6.07 9.00 -15.64
CA GLN B 205 -7.27 8.80 -16.44
C GLN B 205 -7.96 7.44 -16.18
N GLU B 206 -7.18 6.37 -16.31
CA GLU B 206 -7.72 5.01 -16.39
C GLU B 206 -7.85 4.29 -15.04
N ALA B 207 -6.95 4.57 -14.11
CA ALA B 207 -6.98 3.88 -12.81
C ALA B 207 -6.45 4.74 -11.66
N PRO B 208 -7.14 5.86 -11.35
CA PRO B 208 -6.64 6.74 -10.29
C PRO B 208 -6.70 6.10 -8.90
N GLU B 209 -7.58 5.11 -8.73
CA GLU B 209 -7.74 4.45 -7.43
C GLU B 209 -6.47 3.67 -7.04
N LEU B 210 -5.53 3.56 -7.97
CA LEU B 210 -4.29 2.85 -7.72
C LEU B 210 -3.15 3.79 -7.34
N LEU B 211 -3.34 5.09 -7.52
CA LEU B 211 -2.24 6.05 -7.39
C LEU B 211 -1.53 5.95 -6.04
N GLY B 212 -2.30 5.93 -4.97
CA GLY B 212 -1.74 5.84 -3.63
C GLY B 212 -0.78 4.68 -3.47
N LEU B 213 -1.10 3.55 -4.09
CA LEU B 213 -0.24 2.37 -4.00
C LEU B 213 1.17 2.69 -4.47
N TYR B 214 1.27 3.40 -5.59
CA TYR B 214 2.57 3.73 -6.16
C TYR B 214 3.34 4.63 -5.21
N TYR B 215 2.62 5.49 -4.50
CA TYR B 215 3.26 6.38 -3.54
C TYR B 215 3.77 5.60 -2.34
N ALA B 216 3.11 4.48 -2.05
CA ALA B 216 3.53 3.61 -0.95
C ALA B 216 4.73 2.80 -1.39
N GLY B 217 4.73 2.39 -2.65
CA GLY B 217 5.86 1.66 -3.19
C GLY B 217 5.88 0.22 -2.73
N VAL B 218 6.90 -0.53 -3.16
CA VAL B 218 6.97 -1.93 -2.75
C VAL B 218 8.33 -2.28 -2.16
N PHE B 219 8.44 -3.47 -1.59
CA PHE B 219 9.69 -3.90 -0.98
C PHE B 219 10.66 -4.46 -2.02
N PHE B 220 11.90 -4.01 -1.94
CA PHE B 220 12.96 -4.47 -2.83
C PHE B 220 14.11 -5.10 -2.06
N ASP B 221 14.63 -6.17 -2.63
CA ASP B 221 15.70 -6.90 -1.98
C ASP B 221 16.91 -5.99 -1.83
N TYR B 222 17.50 -6.05 -0.65
CA TYR B 222 18.69 -5.32 -0.30
C TYR B 222 19.89 -6.02 -0.91
N ARG B 223 19.78 -7.34 -1.12
CA ARG B 223 20.87 -8.03 -1.79
C ARG B 223 22.02 -8.24 -0.82
N GLY B 224 21.78 -7.95 0.45
CA GLY B 224 22.75 -8.24 1.49
C GLY B 224 23.43 -7.00 2.02
N GLU B 225 23.13 -5.85 1.44
CA GLU B 225 23.80 -4.61 1.83
C GLU B 225 23.06 -3.78 2.88
N GLU B 226 21.98 -4.31 3.46
CA GLU B 226 21.27 -3.62 4.55
C GLU B 226 22.21 -3.34 5.71
N PRO B 227 22.11 -2.14 6.30
CA PRO B 227 22.76 -1.91 7.60
C PRO B 227 22.25 -2.94 8.61
N PRO B 228 23.09 -3.35 9.56
CA PRO B 228 22.67 -4.40 10.50
C PRO B 228 21.47 -3.94 11.33
N GLY B 229 20.57 -4.86 11.64
CA GLY B 229 19.43 -4.57 12.50
C GLY B 229 18.28 -3.94 11.73
N GLU B 230 18.25 -4.22 10.43
CA GLU B 230 17.14 -3.82 9.58
C GLU B 230 16.82 -4.97 8.62
N PRO B 231 15.60 -5.00 8.06
CA PRO B 231 15.17 -6.15 7.26
C PRO B 231 15.99 -6.31 5.99
N PRO B 232 15.87 -7.47 5.34
CA PRO B 232 16.53 -7.69 4.04
C PRO B 232 16.04 -6.74 2.94
N ALA B 233 14.74 -6.47 2.91
CA ALA B 233 14.14 -5.67 1.83
C ALA B 233 13.59 -4.32 2.30
N TYR B 234 13.92 -3.27 1.56
CA TYR B 234 13.51 -1.90 1.90
C TYR B 234 12.33 -1.45 1.04
N ARG B 235 11.54 -0.52 1.56
CA ARG B 235 10.41 -0.02 0.79
C ARG B 235 10.80 1.16 -0.10
N ASN B 236 10.54 1.01 -1.39
CA ASN B 236 10.84 2.08 -2.34
C ASN B 236 9.57 2.52 -3.06
N ALA B 237 9.27 3.82 -2.96
CA ALA B 237 8.14 4.41 -3.64
C ALA B 237 8.34 4.43 -5.15
N ILE B 238 7.24 4.26 -5.89
CA ILE B 238 7.31 4.26 -7.35
C ILE B 238 7.07 5.68 -7.87
N PHE B 239 6.13 6.39 -7.25
CA PHE B 239 5.91 7.80 -7.58
C PHE B 239 6.07 8.66 -6.35
N GLY B 240 6.61 9.85 -6.54
CA GLY B 240 6.74 10.79 -5.45
C GLY B 240 6.52 12.21 -5.93
N TYR B 241 5.90 13.03 -5.10
CA TYR B 241 5.63 14.41 -5.45
C TYR B 241 6.18 15.33 -4.37
N HIS B 242 7.34 15.93 -4.64
CA HIS B 242 7.94 16.84 -3.68
C HIS B 242 8.44 18.11 -4.37
N ASN B 243 8.21 19.25 -3.72
CA ASN B 243 8.83 20.52 -4.12
C ASN B 243 8.15 21.12 -5.35
N GLY B 244 7.05 20.51 -5.77
CA GLY B 244 6.40 20.84 -7.03
C GLY B 244 6.68 19.87 -8.16
N GLN B 245 7.58 18.91 -7.92
CA GLN B 245 7.97 18.00 -8.98
C GLN B 245 7.56 16.56 -8.69
N LEU B 246 7.01 15.92 -9.72
CA LEU B 246 6.75 14.49 -9.69
C LEU B 246 7.97 13.75 -10.21
N SER B 247 8.34 12.69 -9.51
CA SER B 247 9.44 11.83 -9.96
C SER B 247 9.03 10.37 -9.82
N CYS B 248 9.73 9.50 -10.55
CA CYS B 248 9.42 8.09 -10.58
C CYS B 248 10.66 7.23 -10.43
N ARG B 249 10.51 6.11 -9.74
CA ARG B 249 11.46 5.00 -9.83
C ARG B 249 10.69 3.69 -9.95
N TYR B 250 11.05 2.87 -10.92
CA TYR B 250 10.39 1.59 -11.10
C TYR B 250 11.45 0.50 -11.11
N PHE B 251 11.96 0.18 -9.92
CA PHE B 251 13.09 -0.73 -9.82
C PHE B 251 12.74 -2.12 -10.37
N LEU B 252 13.76 -2.94 -10.59
CA LEU B 252 13.58 -4.27 -11.20
C LEU B 252 12.63 -5.13 -10.37
N ARG B 253 11.54 -5.56 -10.98
CA ARG B 253 10.39 -6.05 -10.21
C ARG B 253 10.77 -7.26 -9.38
N ASN B 254 11.61 -8.08 -9.99
CA ASN B 254 11.96 -9.42 -9.54
C ASN B 254 12.71 -9.28 -8.25
N PHE B 255 13.59 -8.29 -8.17
CA PHE B 255 14.14 -7.95 -6.87
C PHE B 255 13.05 -7.55 -5.88
N ALA B 256 11.90 -7.13 -6.40
CA ALA B 256 10.73 -6.90 -5.56
C ALA B 256 10.22 -8.23 -5.05
N ASP B 257 10.14 -9.21 -5.94
CA ASP B 257 9.67 -10.54 -5.57
C ASP B 257 10.65 -11.23 -4.63
N SER B 258 11.91 -11.24 -5.03
CA SER B 258 13.02 -11.62 -4.16
C SER B 258 12.90 -11.02 -2.76
N GLY B 259 12.67 -9.72 -2.69
CA GLY B 259 12.66 -9.00 -1.43
C GLY B 259 11.49 -9.35 -0.53
N THR B 260 10.30 -9.46 -1.13
CA THR B 260 9.12 -9.81 -0.35
C THR B 260 9.22 -11.26 0.12
N ALA B 261 9.77 -12.12 -0.73
CA ALA B 261 10.08 -13.49 -0.36
C ALA B 261 10.97 -13.51 0.88
N LYS B 262 12.07 -12.77 0.82
CA LYS B 262 12.97 -12.66 1.96
C LYS B 262 12.28 -12.12 3.21
N LEU B 263 11.25 -11.29 3.03
CA LEU B 263 10.50 -10.78 4.18
C LEU B 263 9.45 -11.78 4.64
N GLY B 264 9.22 -12.82 3.84
CA GLY B 264 8.26 -13.85 4.16
C GLY B 264 6.81 -13.43 3.96
N PHE B 265 6.56 -12.67 2.90
CA PHE B 265 5.20 -12.20 2.61
C PHE B 265 4.79 -12.48 1.17
N GLU B 266 3.49 -12.69 0.96
CA GLU B 266 2.92 -12.71 -0.38
C GLU B 266 2.53 -11.28 -0.79
N GLN B 267 2.80 -10.95 -2.05
CA GLN B 267 2.32 -9.70 -2.63
C GLN B 267 0.80 -9.66 -2.69
N PRO B 268 0.22 -8.55 -2.24
CA PRO B 268 -1.22 -8.34 -2.38
C PRO B 268 -1.54 -8.26 -3.86
N GLU B 269 -2.70 -8.79 -4.25
CA GLU B 269 -3.04 -8.86 -5.67
C GLU B 269 -3.13 -7.46 -6.27
N VAL B 270 -3.67 -6.53 -5.50
CA VAL B 270 -3.87 -5.16 -5.97
C VAL B 270 -2.53 -4.50 -6.31
N GLU B 271 -1.48 -4.94 -5.61
CA GLU B 271 -0.13 -4.46 -5.84
C GLU B 271 0.39 -4.98 -7.17
N LYS B 272 0.11 -6.25 -7.45
CA LYS B 272 0.54 -6.86 -8.70
C LYS B 272 -0.26 -6.25 -9.87
N LEU B 273 -1.49 -5.86 -9.59
CA LEU B 273 -2.32 -5.18 -10.57
C LEU B 273 -1.73 -3.81 -10.90
N ALA B 274 -1.34 -3.08 -9.85
CA ALA B 274 -0.70 -1.78 -10.03
C ALA B 274 0.56 -1.88 -10.90
N LEU B 275 1.44 -2.80 -10.54
CA LEU B 275 2.68 -3.02 -11.29
C LEU B 275 2.42 -3.42 -12.75
N ASP B 276 1.55 -4.41 -12.94
CA ASP B 276 1.21 -4.88 -14.28
C ASP B 276 0.59 -3.77 -15.13
N THR B 277 -0.20 -2.90 -14.48
CA THR B 277 -0.86 -1.81 -15.17
C THR B 277 0.17 -0.80 -15.64
N PHE B 278 1.08 -0.42 -14.74
CA PHE B 278 2.23 0.40 -15.07
C PHE B 278 2.95 -0.11 -16.32
N GLU B 279 3.35 -1.38 -16.28
CA GLU B 279 4.15 -1.94 -17.36
C GLU B 279 3.35 -2.05 -18.66
N GLU B 280 2.07 -2.34 -18.54
CA GLU B 280 1.19 -2.43 -19.71
C GLU B 280 1.06 -1.08 -20.39
N ILE B 281 0.91 -0.02 -19.59
CA ILE B 281 0.81 1.32 -20.15
C ILE B 281 2.10 1.66 -20.87
N ALA B 282 3.24 1.35 -20.25
CA ALA B 282 4.52 1.58 -20.91
C ALA B 282 4.66 0.78 -22.20
N SER B 283 4.04 -0.40 -22.24
CA SER B 283 4.22 -1.31 -23.36
C SER B 283 3.36 -1.00 -24.59
N ARG B 284 2.41 -0.09 -24.44
CA ARG B 284 1.58 0.34 -25.58
C ARG B 284 2.47 0.98 -26.64
N PRO B 285 2.31 0.57 -27.91
CA PRO B 285 3.15 1.05 -29.02
C PRO B 285 3.24 2.57 -29.07
N GLU B 286 2.13 3.26 -28.78
CA GLU B 286 2.12 4.72 -28.81
C GLU B 286 2.84 5.38 -27.63
N ASN B 287 3.25 4.61 -26.63
CA ASN B 287 3.86 5.20 -25.44
C ASN B 287 5.38 5.06 -25.34
N HIS B 288 6.00 4.29 -26.22
CA HIS B 288 7.44 4.15 -26.15
C HIS B 288 8.14 4.32 -27.51
N VAL B 289 9.39 4.75 -27.46
CA VAL B 289 10.24 4.86 -28.63
C VAL B 289 11.31 3.78 -28.57
N SER B 290 11.72 3.28 -29.73
CA SER B 290 12.70 2.21 -29.80
C SER B 290 13.90 2.63 -30.64
N MSE B 291 15.06 2.06 -30.34
CA MSE B 291 16.29 2.40 -31.06
C MSE B 291 17.32 1.28 -31.05
O MSE B 291 17.25 0.35 -30.22
CB MSE B 291 16.90 3.67 -30.46
CG MSE B 291 17.47 3.50 -29.07
SE MSE B 291 17.20 5.07 -27.95
CE MSE B 291 15.25 4.99 -27.79
N ARG B 292 18.28 1.38 -31.97
CA ARG B 292 19.39 0.44 -32.07
C ARG B 292 20.71 1.18 -31.92
N LEU B 293 21.55 0.72 -31.00
CA LEU B 293 22.85 1.36 -30.82
C LEU B 293 23.89 0.73 -31.73
N GLU B 294 24.74 1.57 -32.32
CA GLU B 294 25.89 1.12 -33.07
C GLU B 294 27.14 1.42 -32.24
N PRO B 295 28.28 0.79 -32.55
CA PRO B 295 29.48 1.10 -31.76
C PRO B 295 29.80 2.58 -31.72
N GLY B 296 30.07 3.10 -30.53
CA GLY B 296 30.29 4.52 -30.33
C GLY B 296 29.05 5.27 -29.88
N ASP B 297 27.89 4.61 -29.96
CA ASP B 297 26.65 5.20 -29.48
C ASP B 297 26.50 5.02 -27.98
N MSE B 298 26.24 6.12 -27.31
CA MSE B 298 25.99 6.13 -25.89
C MSE B 298 24.59 6.65 -25.61
O MSE B 298 24.32 7.84 -25.76
CB MSE B 298 27.03 6.99 -25.17
CG MSE B 298 26.81 7.05 -23.69
SE MSE B 298 28.21 7.99 -22.72
CE MSE B 298 29.78 7.07 -23.43
N GLN B 299 23.69 5.75 -25.21
CA GLN B 299 22.33 6.15 -24.94
C GLN B 299 22.19 6.54 -23.46
N LEU B 300 21.55 7.67 -23.21
CA LEU B 300 21.36 8.15 -21.85
C LEU B 300 19.87 8.35 -21.53
N VAL B 301 19.44 7.82 -20.39
CA VAL B 301 18.07 8.00 -19.95
C VAL B 301 18.02 8.62 -18.55
N ASP B 302 17.03 9.48 -18.32
CA ASP B 302 16.86 10.11 -17.02
C ASP B 302 15.86 9.33 -16.20
N ASP B 303 16.32 8.72 -15.12
CA ASP B 303 15.51 7.78 -14.36
C ASP B 303 14.43 8.47 -13.53
N ASN B 304 14.49 9.79 -13.43
CA ASN B 304 13.44 10.53 -12.73
C ASN B 304 12.12 10.57 -13.50
N VAL B 305 12.20 10.57 -14.82
CA VAL B 305 11.01 10.81 -15.65
C VAL B 305 10.74 9.75 -16.72
N THR B 306 11.67 8.82 -16.91
CA THR B 306 11.47 7.76 -17.89
C THR B 306 11.67 6.37 -17.29
N VAL B 307 11.22 5.36 -18.05
CA VAL B 307 11.51 3.96 -17.77
C VAL B 307 11.99 3.31 -19.07
N HIS B 308 12.83 2.29 -18.98
CA HIS B 308 13.41 1.71 -20.18
C HIS B 308 13.52 0.19 -20.12
N ARG B 309 13.88 -0.40 -21.26
CA ARG B 309 13.96 -1.85 -21.39
C ARG B 309 14.85 -2.23 -22.57
N ARG B 310 15.69 -3.25 -22.40
CA ARG B 310 16.49 -3.79 -23.50
C ARG B 310 15.87 -5.07 -24.06
N HIS B 326 28.50 -6.15 -26.95
CA HIS B 326 29.15 -5.75 -25.71
C HIS B 326 28.81 -4.30 -25.36
N LEU B 327 28.28 -4.08 -24.17
CA LEU B 327 27.91 -2.73 -23.74
C LEU B 327 28.50 -2.42 -22.37
N LEU B 328 28.82 -1.15 -22.14
CA LEU B 328 29.20 -0.71 -20.79
C LEU B 328 28.17 0.23 -20.19
N ARG B 329 27.91 0.08 -18.90
CA ARG B 329 26.91 0.88 -18.21
C ARG B 329 27.50 1.78 -17.12
N LEU B 330 27.02 3.02 -17.11
CA LEU B 330 27.44 4.01 -16.13
C LEU B 330 26.23 4.56 -15.37
N TRP B 331 26.41 4.80 -14.07
CA TRP B 331 25.35 5.39 -13.25
C TRP B 331 25.81 6.76 -12.80
N ILE B 332 24.97 7.76 -13.03
CA ILE B 332 25.33 9.14 -12.77
C ILE B 332 24.28 9.83 -11.93
N ASN B 333 24.70 10.44 -10.84
CA ASN B 333 23.84 11.38 -10.13
C ASN B 333 24.19 12.81 -10.48
N VAL B 334 23.18 13.64 -10.64
CA VAL B 334 23.40 15.05 -10.95
C VAL B 334 23.37 15.84 -9.64
N GLU B 335 24.54 16.14 -9.11
CA GLU B 335 24.66 16.83 -7.83
C GLU B 335 24.76 18.34 -8.03
MG MG C . -14.66 -3.07 20.34
MG MG D . 19.09 -0.31 -16.87
#